data_4L4X
#
_entry.id   4L4X
#
_cell.length_a   45.139
_cell.length_b   133.513
_cell.length_c   185.137
_cell.angle_alpha   90.00
_cell.angle_beta   90.00
_cell.angle_gamma   90.00
#
_symmetry.space_group_name_H-M   'C 2 2 21'
#
loop_
_entity.id
_entity.type
_entity.pdbx_description
1 polymer AmphI
2 non-polymer 'NADPH DIHYDRO-NICOTINAMIDE-ADENINE-DINUCLEOTIDE PHOSPHATE'
3 water water
#
_entity_poly.entity_id   1
_entity_poly.type   'polypeptide(L)'
_entity_poly.pdbx_seq_one_letter_code
;MGSSHHHHHHSSGLVPRGSHMAAAPEAVTAADPEDAAFWTAVEDGDVSALTAALGTDEDSVAAVLPALSSWRRARKERST
VDSWRYRPTWKPVTKLPQRTLDGTWLLVSADGVDDTDVAEALETGGAEVRRLVLDESCTDRAVLRERLTDADGLTGIVSV
LAGAERTGAVPGTGLVLGVALTVALVQALGDAGIDTPLWALTRGAVSTGRSDKVTAPVQAQVTGIGWTAALECPGRWGGV
VDLPETLDARAGQRLAAVLAGALGDDDQIALRSSGVFTRRIVRADAAPDGSARDWKPRGTTLVTGGSGTLAPHLARWLAE
QGAEHLVLVSRRGPEAPGAAELRAELAERGTETTLAACDITDRDAVAALLESLKAEGRTVRTVVHTAATIELHTLDATTL
DDFDRVLAAKVTGAQILDELLDDEELDDFVLYSSTAGMWGSGAHAAYVAGNAYLAALAEHRRARGLTALSLSWGIWADDL
QLGRVDPQMIRRSGLEFMDPQLALSGLKRALDDDEQVIAVADVDWETYHPVYTSARPTPLFDEVPEVQRLTAAAEQSAGD
PARGEFAAALLALPAAEQHR
;
_entity_poly.pdbx_strand_id   A
#
loop_
_chem_comp.id
_chem_comp.type
_chem_comp.name
_chem_comp.formula
NDP non-polymer 'NADPH DIHYDRO-NICOTINAMIDE-ADENINE-DINUCLEOTIDE PHOSPHATE' 'C21 H30 N7 O17 P3'
#
# COMPACT_ATOMS: atom_id res chain seq x y z
N ASP A 35 -15.44 38.78 4.48
CA ASP A 35 -14.27 37.94 3.99
C ASP A 35 -14.61 36.96 2.87
N ALA A 36 -15.55 36.05 3.10
CA ALA A 36 -15.96 35.10 2.05
C ALA A 36 -16.36 35.90 0.82
N ALA A 37 -17.17 36.94 1.03
CA ALA A 37 -17.48 37.91 -0.01
C ALA A 37 -16.19 38.43 -0.68
N PHE A 38 -15.30 38.99 0.12
CA PHE A 38 -14.07 39.58 -0.39
C PHE A 38 -13.31 38.63 -1.29
N TRP A 39 -13.05 37.43 -0.78
CA TRP A 39 -12.25 36.46 -1.53
C TRP A 39 -13.04 35.93 -2.73
N THR A 40 -14.34 35.71 -2.57
CA THR A 40 -15.16 35.29 -3.71
C THR A 40 -14.95 36.26 -4.86
N ALA A 41 -15.15 37.55 -4.58
CA ALA A 41 -14.91 38.62 -5.54
C ALA A 41 -13.55 38.53 -6.27
N VAL A 42 -12.47 38.29 -5.53
CA VAL A 42 -11.14 38.16 -6.16
C VAL A 42 -10.98 36.78 -6.81
N GLU A 43 -11.63 35.77 -6.22
CA GLU A 43 -11.60 34.38 -6.70
C GLU A 43 -12.09 34.33 -8.14
N ASP A 44 -13.16 35.06 -8.40
CA ASP A 44 -13.77 35.10 -9.71
C ASP A 44 -13.18 36.24 -10.55
N GLY A 45 -12.91 37.36 -9.91
CA GLY A 45 -12.37 38.52 -10.60
C GLY A 45 -13.41 39.15 -11.51
N ASP A 46 -13.02 40.24 -12.15
CA ASP A 46 -13.89 41.00 -13.08
C ASP A 46 -15.03 41.72 -12.31
N VAL A 47 -14.72 42.23 -11.13
CA VAL A 47 -15.68 42.97 -10.32
C VAL A 47 -15.05 44.16 -9.63
N SER A 48 -15.94 45.06 -9.22
CA SER A 48 -15.57 46.28 -8.59
C SER A 48 -16.14 46.31 -7.18
N ALA A 49 -16.80 45.24 -6.75
CA ALA A 49 -17.31 45.14 -5.37
C ALA A 49 -16.20 45.48 -4.38
N LEU A 50 -14.96 45.37 -4.86
CA LEU A 50 -13.78 45.67 -4.07
C LEU A 50 -13.51 47.16 -4.06
N THR A 51 -13.44 47.72 -5.26
CA THR A 51 -13.09 49.13 -5.47
C THR A 51 -14.12 50.00 -4.79
N ALA A 52 -15.33 49.45 -4.70
CA ALA A 52 -16.32 49.91 -3.74
C ALA A 52 -15.73 49.68 -2.35
N ALA A 53 -15.85 48.45 -1.83
CA ALA A 53 -15.53 48.12 -0.42
C ALA A 53 -14.17 48.64 0.05
N LEU A 54 -13.24 48.83 -0.88
CA LEU A 54 -11.94 49.40 -0.55
C LEU A 54 -11.90 50.91 -0.83
N GLY A 55 -12.49 51.35 -1.95
CA GLY A 55 -12.44 52.75 -2.34
C GLY A 55 -11.05 53.20 -2.74
N THR A 56 -10.45 52.54 -3.72
CA THR A 56 -9.13 52.92 -4.23
C THR A 56 -9.17 53.09 -5.72
N ASP A 57 -9.81 54.16 -6.17
CA ASP A 57 -9.96 54.38 -7.59
C ASP A 57 -10.65 53.12 -8.13
N GLU A 58 -9.96 52.40 -9.01
CA GLU A 58 -10.53 51.33 -9.81
C GLU A 58 -9.53 50.89 -10.88
N ASP A 59 -8.73 51.82 -11.38
CA ASP A 59 -7.71 51.48 -12.37
C ASP A 59 -6.60 50.60 -11.71
N SER A 60 -6.38 50.77 -10.42
CA SER A 60 -5.32 50.02 -9.71
C SER A 60 -5.82 48.70 -9.08
N VAL A 61 -7.03 48.27 -9.46
CA VAL A 61 -7.59 47.02 -8.95
C VAL A 61 -7.18 45.86 -9.86
N ALA A 62 -7.51 45.95 -11.15
CA ALA A 62 -7.21 44.86 -12.08
C ALA A 62 -5.73 44.84 -12.40
N ALA A 63 -4.99 45.82 -11.86
CA ALA A 63 -3.52 45.82 -11.94
C ALA A 63 -2.96 44.81 -10.95
N VAL A 64 -3.71 44.59 -9.87
CA VAL A 64 -3.30 43.70 -8.78
C VAL A 64 -4.12 42.44 -8.79
N LEU A 65 -5.40 42.58 -9.15
CA LEU A 65 -6.38 41.51 -9.03
C LEU A 65 -5.92 40.14 -9.52
N PRO A 66 -5.37 40.05 -10.74
CA PRO A 66 -4.99 38.71 -11.22
C PRO A 66 -3.93 38.04 -10.35
N ALA A 67 -2.92 38.81 -9.92
CA ALA A 67 -1.80 38.29 -9.12
C ALA A 67 -2.22 37.85 -7.73
N LEU A 68 -3.25 38.51 -7.22
CA LEU A 68 -3.90 38.15 -5.96
C LEU A 68 -4.82 36.97 -6.21
N SER A 69 -5.59 37.06 -7.29
CA SER A 69 -6.45 35.96 -7.71
C SER A 69 -5.66 34.69 -7.92
N SER A 70 -4.37 34.82 -8.27
CA SER A 70 -3.49 33.68 -8.47
C SER A 70 -3.06 33.14 -7.14
N TRP A 71 -2.51 34.04 -6.32
CA TRP A 71 -2.04 33.71 -4.99
C TRP A 71 -3.06 32.96 -4.17
N ARG A 72 -4.35 33.17 -4.42
CA ARG A 72 -5.32 32.39 -3.66
C ARG A 72 -5.74 31.15 -4.40
N ARG A 73 -5.61 31.14 -5.72
CA ARG A 73 -5.79 29.88 -6.43
C ARG A 73 -4.74 28.91 -5.86
N ALA A 74 -3.50 29.35 -5.84
CA ALA A 74 -2.41 28.55 -5.29
C ALA A 74 -2.64 28.14 -3.83
N ARG A 75 -3.07 29.08 -3.01
CA ARG A 75 -3.26 28.82 -1.58
C ARG A 75 -4.35 27.79 -1.42
N LYS A 76 -5.44 27.96 -2.18
CA LYS A 76 -6.61 27.09 -2.09
C LYS A 76 -6.18 25.68 -2.39
N GLU A 77 -5.30 25.53 -3.36
CA GLU A 77 -4.87 24.23 -3.84
C GLU A 77 -3.81 23.55 -2.94
N ARG A 78 -2.95 24.33 -2.29
CA ARG A 78 -2.05 23.76 -1.28
C ARG A 78 -2.86 23.28 -0.08
N SER A 79 -3.92 24.01 0.23
CA SER A 79 -4.68 23.77 1.42
C SER A 79 -5.59 22.55 1.29
N THR A 80 -6.07 22.28 0.10
CA THR A 80 -6.90 21.11 -0.10
C THR A 80 -5.97 19.89 -0.14
N VAL A 81 -5.01 19.92 -1.05
CA VAL A 81 -4.00 18.86 -1.15
C VAL A 81 -3.55 18.41 0.28
N ASP A 82 -3.17 19.38 1.11
CA ASP A 82 -2.82 19.15 2.52
C ASP A 82 -3.77 18.22 3.24
N SER A 83 -5.04 18.38 3.02
CA SER A 83 -6.01 17.50 3.62
C SER A 83 -6.09 16.13 2.90
N TRP A 84 -5.13 15.85 2.02
CA TRP A 84 -5.12 14.58 1.28
C TRP A 84 -3.99 13.65 1.69
N ARG A 85 -3.03 14.17 2.40
CA ARG A 85 -1.83 13.43 2.69
C ARG A 85 -1.98 12.69 4.03
N TYR A 86 -1.53 11.45 4.05
CA TYR A 86 -1.57 10.66 5.26
C TYR A 86 -0.39 9.71 5.35
N ARG A 87 0.04 9.40 6.58
CA ARG A 87 1.02 8.36 6.83
C ARG A 87 0.49 7.31 7.81
N PRO A 88 0.97 6.08 7.67
CA PRO A 88 0.69 5.07 8.65
C PRO A 88 1.73 5.25 9.70
N THR A 89 1.34 5.06 10.95
CA THR A 89 2.27 5.20 12.01
C THR A 89 1.95 4.21 13.10
N TRP A 90 2.95 3.94 13.93
CA TRP A 90 2.89 2.96 15.04
C TRP A 90 2.86 3.58 16.46
N LYS A 91 1.75 3.35 17.14
CA LYS A 91 1.51 3.90 18.46
C LYS A 91 1.81 2.91 19.58
N PRO A 92 2.73 3.29 20.47
CA PRO A 92 3.09 2.45 21.60
C PRO A 92 1.91 2.23 22.44
N VAL A 93 1.74 0.97 22.84
CA VAL A 93 0.79 0.60 23.89
C VAL A 93 1.43 0.86 25.26
N THR A 94 0.91 1.83 25.97
CA THR A 94 1.55 2.23 27.24
C THR A 94 1.43 1.11 28.30
N LYS A 95 0.21 0.58 28.45
CA LYS A 95 -0.16 -0.36 29.53
C LYS A 95 -0.81 -1.65 29.03
N LEU A 96 -0.03 -2.71 28.87
CA LEU A 96 -0.53 -3.98 28.29
C LEU A 96 -1.27 -4.86 29.28
N PRO A 97 -2.62 -4.88 29.19
CA PRO A 97 -3.36 -5.65 30.19
C PRO A 97 -2.77 -7.05 30.36
N GLN A 98 -2.42 -7.39 31.58
CA GLN A 98 -1.91 -8.71 31.90
C GLN A 98 -3.00 -9.72 31.61
N ARG A 99 -2.63 -10.79 30.91
CA ARG A 99 -3.58 -11.80 30.43
C ARG A 99 -2.86 -13.03 29.87
N THR A 100 -3.48 -14.19 29.97
CA THR A 100 -2.84 -15.41 29.47
C THR A 100 -3.81 -16.16 28.57
N LEU A 101 -3.24 -17.20 27.95
CA LEU A 101 -3.99 -17.98 26.99
C LEU A 101 -4.57 -19.19 27.65
N ASP A 102 -5.67 -19.66 27.08
CA ASP A 102 -6.42 -20.77 27.62
C ASP A 102 -6.86 -21.72 26.52
N GLY A 103 -7.07 -22.98 26.88
CA GLY A 103 -7.56 -23.98 25.95
C GLY A 103 -6.53 -24.33 24.91
N THR A 104 -7.01 -24.72 23.73
CA THR A 104 -6.13 -25.17 22.66
C THR A 104 -6.05 -24.27 21.44
N TRP A 105 -4.80 -24.21 20.96
CA TRP A 105 -4.41 -23.37 19.88
C TRP A 105 -3.70 -24.21 18.87
N LEU A 106 -4.18 -24.09 17.63
CA LEU A 106 -3.54 -24.71 16.50
C LEU A 106 -2.47 -23.80 15.90
N LEU A 107 -1.32 -24.37 15.70
CA LEU A 107 -0.19 -23.60 15.23
C LEU A 107 0.18 -24.13 13.86
N VAL A 108 -0.07 -23.32 12.84
CA VAL A 108 -0.04 -23.77 11.45
C VAL A 108 1.21 -23.32 10.71
N SER A 109 2.04 -24.27 10.31
CA SER A 109 3.28 -23.90 9.64
C SER A 109 3.33 -24.61 8.32
N ALA A 110 4.53 -24.64 7.75
CA ALA A 110 4.76 -25.35 6.49
C ALA A 110 6.22 -25.56 6.26
N ASP A 111 6.49 -26.33 5.21
CA ASP A 111 7.83 -26.56 4.66
C ASP A 111 8.78 -26.80 5.79
N GLY A 112 9.70 -25.88 6.00
CA GLY A 112 10.65 -25.99 7.09
C GLY A 112 10.61 -24.73 7.94
N VAL A 113 9.41 -24.17 8.11
CA VAL A 113 9.21 -22.99 8.94
C VAL A 113 9.28 -23.44 10.39
N ASP A 114 10.21 -22.86 11.14
CA ASP A 114 10.38 -23.14 12.56
C ASP A 114 9.26 -22.55 13.44
N ASP A 115 8.62 -23.41 14.22
CA ASP A 115 7.59 -22.95 15.14
C ASP A 115 8.11 -22.79 16.58
N THR A 116 9.02 -23.67 17.00
CA THR A 116 9.47 -23.79 18.39
C THR A 116 9.38 -22.46 19.15
N ASP A 117 10.26 -21.52 18.80
CA ASP A 117 10.28 -20.19 19.43
C ASP A 117 8.84 -19.64 19.67
N VAL A 118 7.92 -19.89 18.74
CA VAL A 118 6.52 -19.48 18.89
C VAL A 118 5.71 -20.55 19.64
N ALA A 119 6.15 -21.78 19.59
CA ALA A 119 5.39 -22.82 20.26
C ALA A 119 5.63 -22.59 21.72
N GLU A 120 6.88 -22.26 22.05
CA GLU A 120 7.25 -22.08 23.42
C GLU A 120 6.47 -20.96 24.06
N ALA A 121 6.22 -19.90 23.31
CA ALA A 121 5.50 -18.77 23.88
C ALA A 121 4.08 -19.15 24.16
N LEU A 122 3.46 -19.88 23.28
CA LEU A 122 2.10 -20.32 23.59
C LEU A 122 2.02 -21.34 24.75
N GLU A 123 3.08 -22.10 24.95
CA GLU A 123 3.03 -23.13 25.96
C GLU A 123 3.15 -22.43 27.30
N THR A 124 4.29 -21.77 27.47
CA THR A 124 4.59 -20.97 28.66
C THR A 124 3.60 -19.86 28.90
N GLY A 125 2.78 -19.55 27.92
CA GLY A 125 1.73 -18.53 28.05
C GLY A 125 0.41 -19.13 28.44
N GLY A 126 0.42 -20.45 28.54
CA GLY A 126 -0.66 -21.16 29.21
C GLY A 126 -1.50 -22.06 28.37
N ALA A 127 -1.09 -22.32 27.13
CA ALA A 127 -1.95 -23.05 26.20
C ALA A 127 -1.38 -24.39 25.79
N GLU A 128 -2.31 -25.29 25.40
CA GLU A 128 -1.95 -26.55 24.73
C GLU A 128 -1.89 -26.38 23.18
N VAL A 129 -0.78 -26.83 22.60
CA VAL A 129 -0.40 -26.55 21.20
C VAL A 129 -0.57 -27.74 20.21
N ARG A 130 -1.42 -27.58 19.19
CA ARG A 130 -1.50 -28.52 18.03
C ARG A 130 -0.72 -27.98 16.81
N ARG A 131 0.42 -28.60 16.50
CA ARG A 131 1.18 -28.24 15.32
C ARG A 131 0.48 -28.80 14.13
N LEU A 132 0.25 -27.98 13.10
CA LEU A 132 -0.29 -28.45 11.83
C LEU A 132 0.57 -28.01 10.66
N VAL A 133 1.53 -28.86 10.29
CA VAL A 133 2.44 -28.53 9.20
C VAL A 133 1.72 -28.80 7.89
N LEU A 134 2.00 -27.95 6.90
CA LEU A 134 1.41 -28.03 5.57
C LEU A 134 2.47 -28.24 4.49
N ASP A 135 2.04 -28.64 3.30
CA ASP A 135 2.92 -28.79 2.13
C ASP A 135 2.27 -28.18 0.89
N GLU A 136 3.08 -28.00 -0.14
CA GLU A 136 2.66 -27.29 -1.37
C GLU A 136 1.31 -27.72 -1.91
N SER A 137 0.99 -29.00 -1.84
CA SER A 137 -0.35 -29.49 -2.27
C SER A 137 -1.50 -28.95 -1.42
N CYS A 138 -1.20 -28.37 -0.27
CA CYS A 138 -2.25 -27.82 0.55
C CYS A 138 -2.69 -26.45 0.04
N THR A 139 -1.93 -25.89 -0.88
CA THR A 139 -2.39 -24.71 -1.62
C THR A 139 -3.76 -24.90 -2.18
N ASP A 140 -4.14 -26.15 -2.30
CA ASP A 140 -5.48 -26.51 -2.61
C ASP A 140 -6.37 -26.56 -1.38
N ARG A 141 -7.44 -25.78 -1.40
CA ARG A 141 -8.35 -25.70 -0.27
C ARG A 141 -9.12 -26.96 0.05
N ALA A 142 -9.18 -27.87 -0.89
CA ALA A 142 -9.85 -29.14 -0.60
C ALA A 142 -8.88 -29.99 0.20
N VAL A 143 -7.68 -30.14 -0.36
CA VAL A 143 -6.57 -30.92 0.21
C VAL A 143 -6.30 -30.49 1.63
N LEU A 144 -6.38 -29.18 1.85
CA LEU A 144 -6.08 -28.59 3.15
C LEU A 144 -7.18 -28.92 4.15
N ARG A 145 -8.45 -28.66 3.81
CA ARG A 145 -9.60 -29.02 4.69
C ARG A 145 -9.62 -30.47 5.17
N GLU A 146 -9.01 -31.38 4.40
CA GLU A 146 -8.89 -32.76 4.83
C GLU A 146 -7.99 -32.93 6.02
N ARG A 147 -7.14 -31.93 6.28
CA ARG A 147 -6.26 -31.97 7.44
C ARG A 147 -6.86 -31.32 8.71
N LEU A 148 -7.94 -30.57 8.55
CA LEU A 148 -8.68 -29.98 9.67
C LEU A 148 -9.75 -30.94 10.25
N THR A 149 -9.40 -32.21 10.38
CA THR A 149 -10.23 -33.19 11.06
C THR A 149 -9.51 -33.44 12.39
N ASP A 150 -10.29 -33.66 13.46
CA ASP A 150 -9.79 -33.61 14.85
C ASP A 150 -9.30 -32.19 15.23
N ALA A 151 -10.09 -31.17 14.86
CA ALA A 151 -9.68 -29.78 15.09
C ALA A 151 -10.86 -28.78 15.18
N ASP A 152 -11.84 -29.11 15.99
CA ASP A 152 -12.93 -28.18 16.27
C ASP A 152 -12.97 -27.95 17.78
N GLY A 153 -13.70 -26.92 18.20
CA GLY A 153 -13.64 -26.45 19.58
C GLY A 153 -12.21 -26.09 19.98
N LEU A 154 -11.45 -25.58 19.02
CA LEU A 154 -10.17 -24.95 19.27
C LEU A 154 -10.46 -23.67 19.97
N THR A 155 -9.43 -23.08 20.61
CA THR A 155 -9.56 -21.78 21.27
C THR A 155 -9.00 -20.62 20.44
N GLY A 156 -7.86 -20.84 19.80
CA GLY A 156 -7.42 -19.92 18.74
C GLY A 156 -6.52 -20.57 17.71
N ILE A 157 -6.41 -19.93 16.55
CA ILE A 157 -5.45 -20.41 15.54
C ILE A 157 -4.40 -19.37 15.23
N VAL A 158 -3.20 -19.86 14.95
CA VAL A 158 -2.04 -19.08 14.76
C VAL A 158 -1.29 -19.61 13.56
N SER A 159 -1.03 -18.73 12.60
CA SER A 159 -0.36 -19.15 11.39
C SER A 159 0.89 -18.43 11.30
N VAL A 160 1.97 -19.16 11.16
CA VAL A 160 3.22 -18.56 10.82
C VAL A 160 3.62 -18.90 9.35
N LEU A 161 2.60 -19.00 8.49
CA LEU A 161 2.83 -19.32 7.07
C LEU A 161 3.72 -18.28 6.34
N ALA A 162 3.73 -17.01 6.77
CA ALA A 162 4.61 -16.01 6.19
C ALA A 162 6.08 -16.32 6.24
N GLY A 163 6.47 -17.35 6.95
CA GLY A 163 7.88 -17.71 6.96
C GLY A 163 8.21 -18.40 5.68
N ALA A 164 7.20 -19.02 5.04
CA ALA A 164 7.35 -19.78 3.75
C ALA A 164 7.48 -18.82 2.57
N GLU A 165 8.67 -18.29 2.40
CA GLU A 165 8.92 -17.25 1.42
C GLU A 165 9.38 -17.83 0.10
N ARG A 166 9.61 -19.15 0.08
CA ARG A 166 10.01 -19.89 -1.12
C ARG A 166 9.11 -19.58 -2.30
N THR A 167 9.74 -19.54 -3.48
CA THR A 167 9.19 -18.89 -4.66
C THR A 167 8.71 -19.80 -5.83
N GLY A 168 9.36 -20.94 -6.02
CA GLY A 168 8.94 -21.83 -7.11
C GLY A 168 8.36 -23.13 -6.60
N ALA A 169 7.10 -23.09 -6.17
CA ALA A 169 6.49 -24.29 -5.57
C ALA A 169 4.98 -24.35 -5.75
N VAL A 170 4.52 -23.76 -6.82
CA VAL A 170 3.12 -23.95 -7.16
C VAL A 170 2.86 -23.48 -8.57
N PRO A 171 2.95 -24.41 -9.53
CA PRO A 171 2.76 -23.94 -10.89
C PRO A 171 1.28 -23.79 -11.16
N GLY A 172 0.95 -23.01 -12.18
CA GLY A 172 1.95 -22.24 -12.95
C GLY A 172 2.07 -20.84 -12.39
N THR A 173 1.78 -20.69 -11.09
CA THR A 173 1.70 -19.36 -10.49
C THR A 173 3.12 -18.94 -10.08
N GLY A 174 3.29 -17.62 -9.93
CA GLY A 174 4.54 -17.07 -9.37
C GLY A 174 4.38 -16.75 -7.89
N LEU A 175 3.25 -17.16 -7.30
CA LEU A 175 2.92 -16.81 -5.93
C LEU A 175 3.90 -17.35 -4.89
N VAL A 176 4.04 -16.61 -3.80
CA VAL A 176 4.91 -17.04 -2.73
C VAL A 176 4.20 -18.13 -1.96
N LEU A 177 4.96 -19.11 -1.52
CA LEU A 177 4.36 -20.31 -0.95
C LEU A 177 3.37 -19.99 0.14
N GLY A 178 3.88 -19.39 1.21
CA GLY A 178 3.08 -18.99 2.35
C GLY A 178 1.90 -18.11 2.00
N VAL A 179 2.05 -17.27 0.99
CA VAL A 179 0.95 -16.42 0.56
C VAL A 179 -0.26 -17.21 0.14
N ALA A 180 0.04 -18.26 -0.62
CA ALA A 180 -0.99 -19.11 -1.22
C ALA A 180 -1.65 -19.94 -0.14
N LEU A 181 -0.78 -20.61 0.60
CA LEU A 181 -1.25 -21.33 1.81
C LEU A 181 -2.11 -20.51 2.72
N THR A 182 -1.83 -19.22 2.84
CA THR A 182 -2.64 -18.36 3.69
C THR A 182 -4.02 -18.23 3.16
N VAL A 183 -4.15 -17.91 1.86
CA VAL A 183 -5.50 -17.81 1.27
C VAL A 183 -6.18 -19.17 1.35
N ALA A 184 -5.37 -20.20 1.20
CA ALA A 184 -5.91 -21.52 1.33
C ALA A 184 -6.54 -21.64 2.72
N LEU A 185 -5.70 -21.44 3.74
CA LEU A 185 -6.07 -21.67 5.13
C LEU A 185 -7.36 -20.97 5.47
N VAL A 186 -7.51 -19.75 4.99
CA VAL A 186 -8.69 -18.96 5.33
C VAL A 186 -9.89 -19.57 4.69
N GLN A 187 -9.67 -20.11 3.49
CA GLN A 187 -10.73 -20.70 2.68
C GLN A 187 -11.24 -21.99 3.33
N ALA A 188 -10.34 -22.92 3.53
CA ALA A 188 -10.68 -24.16 4.27
C ALA A 188 -11.45 -23.93 5.61
N LEU A 189 -11.15 -22.87 6.36
CA LEU A 189 -11.74 -22.71 7.68
C LEU A 189 -13.15 -22.26 7.53
N GLY A 190 -13.40 -21.43 6.53
CA GLY A 190 -14.79 -21.04 6.24
C GLY A 190 -15.53 -22.18 5.54
N ASP A 191 -14.78 -23.02 4.83
CA ASP A 191 -15.36 -24.19 4.24
C ASP A 191 -15.78 -25.10 5.41
N ALA A 192 -14.82 -25.42 6.28
CA ALA A 192 -15.09 -26.28 7.44
C ALA A 192 -16.02 -25.68 8.47
N GLY A 193 -16.37 -24.39 8.34
CA GLY A 193 -17.24 -23.70 9.31
C GLY A 193 -16.62 -23.35 10.67
N ILE A 194 -15.32 -23.62 10.83
CA ILE A 194 -14.57 -23.27 12.04
C ILE A 194 -14.51 -21.74 12.31
N ASP A 195 -15.29 -21.32 13.28
CA ASP A 195 -15.36 -19.91 13.60
C ASP A 195 -14.31 -19.43 14.62
N THR A 196 -13.31 -20.25 14.95
CA THR A 196 -12.30 -19.87 15.94
C THR A 196 -11.36 -18.87 15.30
N PRO A 197 -10.95 -17.85 16.08
CA PRO A 197 -10.21 -16.72 15.54
C PRO A 197 -8.79 -17.00 15.08
N LEU A 198 -8.50 -16.50 13.88
CA LEU A 198 -7.26 -16.77 13.18
C LEU A 198 -6.35 -15.58 13.27
N TRP A 199 -5.05 -15.84 13.39
CA TRP A 199 -4.05 -14.83 13.58
C TRP A 199 -2.89 -15.18 12.72
N ALA A 200 -2.27 -14.16 12.14
CA ALA A 200 -1.12 -14.37 11.32
C ALA A 200 0.08 -13.62 11.81
N LEU A 201 1.20 -14.30 11.77
CA LEU A 201 2.38 -13.73 12.26
C LEU A 201 3.37 -13.58 11.14
N THR A 202 3.95 -12.40 11.07
CA THR A 202 5.04 -12.11 10.19
C THR A 202 6.18 -11.73 11.05
N ARG A 203 7.35 -11.64 10.44
CA ARG A 203 8.52 -11.16 11.13
C ARG A 203 9.35 -10.38 10.15
N GLY A 204 9.44 -9.06 10.30
CA GLY A 204 10.36 -8.27 9.46
C GLY A 204 9.72 -7.49 8.30
N ALA A 205 8.42 -7.26 8.44
CA ALA A 205 7.57 -6.77 7.38
C ALA A 205 7.02 -5.41 7.72
N VAL A 206 7.28 -4.95 8.94
CA VAL A 206 6.84 -3.66 9.37
C VAL A 206 8.01 -2.84 9.89
N SER A 207 7.93 -1.51 9.86
CA SER A 207 8.93 -0.66 10.53
C SER A 207 8.24 0.25 11.51
N THR A 208 8.47 0.01 12.81
CA THR A 208 7.90 0.83 13.88
C THR A 208 8.59 2.22 13.86
N GLY A 209 9.68 2.34 13.10
CA GLY A 209 10.30 3.61 12.81
C GLY A 209 11.71 3.48 13.28
N ARG A 210 12.16 4.47 14.03
CA ARG A 210 13.47 4.41 14.64
C ARG A 210 14.43 3.70 13.65
N SER A 211 15.09 2.67 14.14
CA SER A 211 16.07 1.98 13.34
C SER A 211 15.51 0.62 13.07
N ASP A 212 14.18 0.54 12.98
CA ASP A 212 13.50 -0.74 12.77
C ASP A 212 13.41 -1.03 11.26
N LYS A 213 14.45 -1.64 10.73
CA LYS A 213 14.51 -1.96 9.32
C LYS A 213 13.44 -2.98 8.98
N VAL A 214 12.88 -2.82 7.79
CA VAL A 214 12.16 -3.89 7.20
C VAL A 214 13.15 -4.85 6.58
N THR A 215 12.98 -6.14 6.86
CA THR A 215 13.97 -7.16 6.44
C THR A 215 13.38 -8.22 5.50
N ALA A 216 12.06 -8.28 5.43
CA ALA A 216 11.41 -9.26 4.63
C ALA A 216 10.13 -8.67 4.03
N PRO A 217 10.28 -7.81 3.01
CA PRO A 217 9.15 -7.11 2.42
C PRO A 217 8.07 -8.03 1.93
N VAL A 218 8.49 -9.22 1.52
CA VAL A 218 7.53 -10.22 1.03
C VAL A 218 6.38 -10.50 2.01
N GLN A 219 6.66 -10.60 3.32
CA GLN A 219 5.61 -11.04 4.26
C GLN A 219 4.47 -10.05 4.38
N ALA A 220 4.71 -8.82 3.93
CA ALA A 220 3.69 -7.80 3.95
C ALA A 220 2.51 -8.13 3.06
N GLN A 221 2.75 -8.94 2.05
CA GLN A 221 1.66 -9.64 1.37
C GLN A 221 0.64 -10.31 2.31
N VAL A 222 1.13 -11.07 3.28
CA VAL A 222 0.23 -11.72 4.24
C VAL A 222 -0.47 -10.75 5.14
N THR A 223 0.26 -9.69 5.48
CA THR A 223 -0.34 -8.66 6.27
C THR A 223 -1.51 -8.22 5.47
N GLY A 224 -1.25 -7.98 4.21
CA GLY A 224 -2.25 -7.43 3.29
C GLY A 224 -3.51 -8.24 3.23
N ILE A 225 -3.33 -9.52 2.99
CA ILE A 225 -4.51 -10.40 3.14
C ILE A 225 -5.15 -10.25 4.53
N GLY A 226 -4.31 -10.35 5.56
CA GLY A 226 -4.83 -10.19 6.92
C GLY A 226 -5.75 -9.01 7.10
N TRP A 227 -5.26 -7.82 6.78
CA TRP A 227 -6.11 -6.65 6.84
C TRP A 227 -7.45 -6.90 6.20
N THR A 228 -7.44 -7.58 5.03
CA THR A 228 -8.66 -7.69 4.20
C THR A 228 -9.62 -8.69 4.82
N ALA A 229 -9.10 -9.88 5.13
CA ALA A 229 -9.87 -10.89 5.88
C ALA A 229 -10.49 -10.33 7.12
N ALA A 230 -9.86 -9.34 7.72
CA ALA A 230 -10.52 -8.71 8.83
C ALA A 230 -11.86 -8.27 8.34
N LEU A 231 -11.91 -7.64 7.18
CA LEU A 231 -13.16 -7.07 6.67
C LEU A 231 -14.16 -8.08 6.16
N GLU A 232 -13.65 -9.10 5.49
CA GLU A 232 -14.49 -10.04 4.77
C GLU A 232 -15.18 -11.02 5.71
N CYS A 233 -14.39 -11.68 6.57
CA CYS A 233 -14.93 -12.59 7.58
C CYS A 233 -14.55 -12.21 9.02
N PRO A 234 -15.11 -11.10 9.51
CA PRO A 234 -14.81 -10.49 10.81
C PRO A 234 -15.13 -11.33 12.00
N GLY A 235 -15.81 -12.44 11.80
CA GLY A 235 -16.26 -13.25 12.91
C GLY A 235 -15.17 -14.18 13.36
N ARG A 236 -14.33 -14.64 12.42
CA ARG A 236 -13.24 -15.56 12.73
C ARG A 236 -11.85 -15.01 12.42
N TRP A 237 -11.69 -13.70 12.34
CA TRP A 237 -10.33 -13.18 12.11
C TRP A 237 -9.79 -12.56 13.42
N GLY A 238 -8.59 -12.94 13.82
CA GLY A 238 -8.02 -12.40 15.09
C GLY A 238 -7.32 -11.09 14.82
N GLY A 239 -6.11 -11.19 14.28
CA GLY A 239 -5.46 -10.00 13.73
C GLY A 239 -4.16 -10.43 13.15
N VAL A 240 -3.29 -9.48 12.91
CA VAL A 240 -1.96 -9.78 12.44
C VAL A 240 -0.88 -9.07 13.29
N VAL A 241 0.25 -9.76 13.48
CA VAL A 241 1.29 -9.34 14.35
C VAL A 241 2.69 -9.39 13.73
N ASP A 242 3.38 -8.27 13.60
CA ASP A 242 4.79 -8.42 13.25
C ASP A 242 5.60 -8.84 14.49
N LEU A 243 6.62 -9.67 14.32
CA LEU A 243 7.35 -10.23 15.42
C LEU A 243 8.73 -9.65 15.36
N PRO A 244 9.38 -9.54 16.53
CA PRO A 244 10.68 -8.93 16.60
C PRO A 244 11.72 -9.91 16.11
N GLU A 245 12.91 -9.42 15.81
CA GLU A 245 14.00 -10.29 15.39
C GLU A 245 14.06 -11.51 16.29
N THR A 246 14.10 -11.32 17.61
CA THR A 246 14.14 -12.46 18.51
C THR A 246 13.01 -12.53 19.50
N LEU A 247 12.23 -13.60 19.45
CA LEU A 247 11.14 -13.73 20.41
C LEU A 247 11.68 -14.29 21.73
N ASP A 248 12.03 -13.41 22.66
CA ASP A 248 12.43 -13.83 24.01
C ASP A 248 11.19 -14.15 24.92
N ALA A 249 11.44 -14.31 26.22
CA ALA A 249 10.39 -14.63 27.19
C ALA A 249 9.44 -13.48 27.37
N ARG A 250 9.95 -12.29 27.68
CA ARG A 250 9.05 -11.13 27.80
C ARG A 250 8.22 -10.98 26.54
N ALA A 251 8.89 -10.97 25.38
CA ALA A 251 8.17 -10.84 24.10
C ALA A 251 7.17 -11.99 23.96
N GLY A 252 7.61 -13.21 24.24
CA GLY A 252 6.67 -14.33 24.44
C GLY A 252 5.41 -14.00 25.24
N GLN A 253 5.62 -13.43 26.44
CA GLN A 253 4.49 -13.14 27.33
C GLN A 253 3.57 -12.13 26.71
N ARG A 254 4.21 -11.13 26.11
CA ARG A 254 3.51 -10.09 25.41
C ARG A 254 2.68 -10.67 24.28
N LEU A 255 3.33 -11.41 23.39
CA LEU A 255 2.60 -12.03 22.33
C LEU A 255 1.38 -12.79 22.90
N ALA A 256 1.62 -13.66 23.86
CA ALA A 256 0.51 -14.43 24.50
C ALA A 256 -0.62 -13.55 24.99
N ALA A 257 -0.30 -12.36 25.43
CA ALA A 257 -1.37 -11.53 25.93
C ALA A 257 -2.14 -10.97 24.77
N VAL A 258 -1.42 -10.55 23.72
CA VAL A 258 -2.06 -10.02 22.50
C VAL A 258 -2.94 -11.10 21.97
N LEU A 259 -2.38 -12.29 21.79
CA LEU A 259 -3.20 -13.36 21.23
C LEU A 259 -4.38 -13.63 22.11
N ALA A 260 -4.21 -13.51 23.40
CA ALA A 260 -5.32 -13.83 24.28
C ALA A 260 -6.55 -13.00 23.96
N GLY A 261 -6.35 -11.71 23.74
CA GLY A 261 -7.49 -10.80 23.62
C GLY A 261 -7.25 -9.47 24.30
N ALA A 262 -5.99 -9.23 24.69
CA ALA A 262 -5.64 -8.09 25.53
C ALA A 262 -6.07 -6.79 24.95
N LEU A 263 -5.91 -6.67 23.63
CA LEU A 263 -6.03 -5.39 22.97
C LEU A 263 -7.39 -5.14 22.41
N GLY A 264 -8.31 -6.07 22.61
CA GLY A 264 -9.68 -5.83 22.16
C GLY A 264 -9.75 -5.83 20.65
N ASP A 265 -10.05 -4.67 20.07
CA ASP A 265 -10.39 -4.53 18.66
C ASP A 265 -9.21 -4.08 17.85
N ASP A 266 -8.03 -4.20 18.43
CA ASP A 266 -6.87 -3.63 17.82
C ASP A 266 -6.06 -4.74 17.21
N ASP A 267 -6.08 -4.86 15.87
CA ASP A 267 -5.64 -6.07 15.13
C ASP A 267 -4.35 -6.00 14.36
N GLN A 268 -3.76 -4.82 14.27
CA GLN A 268 -2.53 -4.66 13.51
C GLN A 268 -1.48 -4.23 14.49
N ILE A 269 -0.48 -5.04 14.65
CA ILE A 269 0.26 -5.03 15.86
C ILE A 269 1.62 -5.42 15.49
N ALA A 270 2.56 -4.68 16.04
CA ALA A 270 3.94 -5.01 16.03
C ALA A 270 4.41 -5.30 17.46
N LEU A 271 5.43 -6.13 17.57
CA LEU A 271 5.98 -6.56 18.77
C LEU A 271 7.49 -6.35 18.70
N ARG A 272 8.00 -5.47 19.55
CA ARG A 272 9.42 -5.23 19.70
C ARG A 272 9.83 -5.51 21.12
N SER A 273 11.12 -5.77 21.29
CA SER A 273 11.69 -5.90 22.63
C SER A 273 11.37 -4.67 23.47
N SER A 274 11.22 -3.50 22.86
CA SER A 274 10.78 -2.34 23.63
C SER A 274 9.33 -2.41 24.02
N GLY A 275 8.57 -3.33 23.41
CA GLY A 275 7.15 -3.50 23.72
C GLY A 275 6.23 -3.68 22.51
N VAL A 276 4.98 -3.24 22.65
CA VAL A 276 3.95 -3.48 21.73
C VAL A 276 3.39 -2.19 21.11
N PHE A 277 3.23 -2.23 19.79
CA PHE A 277 2.67 -1.12 19.06
C PHE A 277 1.46 -1.58 18.28
N THR A 278 0.48 -0.68 18.17
CA THR A 278 -0.66 -0.83 17.28
C THR A 278 -0.63 0.27 16.24
N ARG A 279 -1.20 0.00 15.06
CA ARG A 279 -1.07 0.89 13.91
C ARG A 279 -2.19 1.89 13.90
N ARG A 280 -1.87 3.10 13.39
CA ARG A 280 -2.84 4.18 13.18
C ARG A 280 -2.58 4.85 11.81
N ILE A 281 -3.62 5.42 11.22
CA ILE A 281 -3.42 6.27 10.05
C ILE A 281 -3.57 7.69 10.49
N VAL A 282 -2.55 8.50 10.21
CA VAL A 282 -2.55 9.93 10.59
C VAL A 282 -2.43 10.87 9.40
N ARG A 283 -3.01 12.07 9.51
CA ARG A 283 -2.75 13.13 8.55
C ARG A 283 -1.32 13.51 8.65
N ALA A 284 -0.69 13.77 7.51
CA ALA A 284 0.69 14.21 7.48
C ALA A 284 0.76 15.70 7.77
N ASP A 285 1.88 16.13 8.32
CA ASP A 285 2.07 17.53 8.63
C ASP A 285 2.42 18.33 7.39
N ALA A 286 1.61 19.35 7.14
CA ALA A 286 1.71 20.22 5.98
C ALA A 286 3.14 20.73 5.73
N ALA A 292 13.83 17.47 2.30
CA ALA A 292 13.51 18.88 2.15
C ALA A 292 14.39 19.51 1.07
N ARG A 293 13.86 19.66 -0.16
CA ARG A 293 14.58 20.33 -1.25
C ARG A 293 13.68 20.64 -2.49
N ASP A 294 14.18 20.33 -3.70
CA ASP A 294 13.45 20.56 -4.95
C ASP A 294 13.59 19.31 -5.80
N TRP A 295 12.91 19.25 -6.94
CA TRP A 295 13.00 18.06 -7.76
C TRP A 295 12.69 18.34 -9.23
N LYS A 296 13.43 17.67 -10.10
CA LYS A 296 13.35 17.93 -11.53
C LYS A 296 13.74 16.70 -12.33
N PRO A 297 12.91 16.30 -13.30
CA PRO A 297 13.14 15.07 -14.07
C PRO A 297 14.34 15.19 -14.99
N ARG A 298 15.41 14.49 -14.66
CA ARG A 298 16.67 14.56 -15.40
C ARG A 298 16.83 13.26 -16.19
N GLY A 299 17.85 13.26 -17.05
CA GLY A 299 18.13 12.13 -17.92
C GLY A 299 16.86 11.54 -18.49
N THR A 300 16.80 10.21 -18.52
CA THR A 300 15.64 9.51 -19.07
C THR A 300 14.74 9.04 -17.94
N THR A 301 13.44 9.16 -18.15
CA THR A 301 12.46 8.69 -17.20
C THR A 301 11.68 7.51 -17.75
N LEU A 302 11.63 6.42 -16.98
CA LEU A 302 10.90 5.23 -17.35
C LEU A 302 9.55 5.21 -16.69
N VAL A 303 8.52 4.83 -17.42
CA VAL A 303 7.19 4.72 -16.85
C VAL A 303 6.61 3.40 -17.30
N THR A 304 6.28 2.55 -16.34
CA THR A 304 5.61 1.31 -16.64
C THR A 304 4.17 1.59 -16.44
N GLY A 305 3.34 0.74 -17.05
CA GLY A 305 1.90 0.98 -17.20
C GLY A 305 1.58 2.10 -18.20
N GLY A 306 2.37 2.18 -19.27
CA GLY A 306 2.33 3.28 -20.26
C GLY A 306 1.03 3.32 -21.01
N SER A 307 0.60 2.17 -21.47
CA SER A 307 -0.71 2.02 -22.07
C SER A 307 -1.87 2.39 -21.09
N GLY A 308 -1.53 2.69 -19.83
CA GLY A 308 -2.51 2.79 -18.76
C GLY A 308 -3.33 4.05 -18.77
N THR A 309 -4.19 4.19 -17.76
CA THR A 309 -5.13 5.30 -17.63
C THR A 309 -4.47 6.51 -17.01
N LEU A 310 -3.75 6.29 -15.90
CA LEU A 310 -3.07 7.37 -15.19
C LEU A 310 -1.85 7.79 -15.97
N ALA A 311 -1.17 6.83 -16.61
CA ALA A 311 0.07 7.14 -17.36
C ALA A 311 0.05 8.44 -18.19
N PRO A 312 -1.02 8.67 -18.99
CA PRO A 312 -1.15 9.91 -19.73
C PRO A 312 -1.01 11.19 -18.90
N HIS A 313 -1.76 11.31 -17.82
CA HIS A 313 -1.60 12.45 -16.94
C HIS A 313 -0.16 12.65 -16.45
N LEU A 314 0.51 11.57 -16.10
CA LEU A 314 1.84 11.67 -15.54
C LEU A 314 2.83 12.15 -16.59
N ALA A 315 2.65 11.62 -17.81
CA ALA A 315 3.58 11.92 -18.88
C ALA A 315 3.43 13.40 -19.28
N ARG A 316 2.21 13.86 -19.45
CA ARG A 316 2.02 15.27 -19.67
C ARG A 316 2.72 16.06 -18.57
N TRP A 317 2.40 15.70 -17.32
CA TRP A 317 2.93 16.38 -16.15
C TRP A 317 4.42 16.40 -16.19
N LEU A 318 5.03 15.25 -16.42
CA LEU A 318 6.49 15.18 -16.50
C LEU A 318 7.09 16.03 -17.64
N ALA A 319 6.37 16.18 -18.74
CA ALA A 319 6.79 17.03 -19.85
C ALA A 319 6.73 18.53 -19.44
N GLU A 320 5.80 18.83 -18.53
CA GLU A 320 5.68 20.15 -17.93
C GLU A 320 6.83 20.46 -16.94
N GLN A 321 7.50 19.43 -16.43
CA GLN A 321 8.62 19.60 -15.50
C GLN A 321 9.96 19.65 -16.24
N GLY A 322 9.93 19.71 -17.57
CA GLY A 322 11.15 19.69 -18.37
C GLY A 322 11.73 18.32 -18.69
N ALA A 323 10.89 17.27 -18.73
CA ALA A 323 11.35 15.90 -19.09
C ALA A 323 11.75 15.83 -20.56
N GLU A 324 12.98 15.39 -20.81
CA GLU A 324 13.53 15.44 -22.15
C GLU A 324 13.37 14.10 -22.82
N HIS A 325 13.08 13.05 -22.06
CA HIS A 325 12.85 11.75 -22.67
C HIS A 325 12.12 10.73 -21.81
N LEU A 326 10.92 10.34 -22.24
CA LEU A 326 10.09 9.38 -21.50
C LEU A 326 9.96 8.03 -22.15
N VAL A 327 10.32 7.01 -21.43
CA VAL A 327 10.13 5.68 -21.94
C VAL A 327 8.85 5.10 -21.36
N LEU A 328 7.81 5.00 -22.19
CA LEU A 328 6.56 4.35 -21.78
C LEU A 328 6.54 2.91 -22.16
N VAL A 329 6.47 2.04 -21.14
CA VAL A 329 6.51 0.59 -21.36
C VAL A 329 5.19 -0.12 -20.96
N SER A 330 4.87 -1.18 -21.69
CA SER A 330 3.56 -1.76 -21.67
C SER A 330 3.53 -2.82 -22.73
N ARG A 331 2.97 -3.99 -22.43
CA ARG A 331 2.88 -5.11 -23.42
C ARG A 331 2.42 -4.66 -24.83
N ARG A 332 1.27 -3.99 -24.89
CA ARG A 332 0.77 -3.35 -26.10
C ARG A 332 1.77 -2.35 -26.65
N GLY A 333 2.18 -1.39 -25.81
CA GLY A 333 3.29 -0.48 -26.14
C GLY A 333 2.90 0.46 -27.27
N PRO A 334 3.63 0.40 -28.41
CA PRO A 334 3.38 1.20 -29.65
C PRO A 334 1.96 1.21 -30.16
N GLU A 335 1.36 0.03 -30.29
CA GLU A 335 0.05 -0.12 -30.94
C GLU A 335 -1.09 -0.08 -29.92
N ALA A 336 -1.02 0.88 -29.01
CA ALA A 336 -1.95 0.93 -27.90
C ALA A 336 -2.91 2.11 -28.09
N PRO A 337 -4.17 1.96 -27.67
CA PRO A 337 -5.29 2.87 -27.91
C PRO A 337 -5.11 4.39 -27.83
N GLY A 338 -4.17 4.90 -27.06
CA GLY A 338 -3.88 6.35 -27.09
C GLY A 338 -2.42 6.61 -27.42
N ALA A 339 -1.66 5.56 -27.67
CA ALA A 339 -0.20 5.63 -27.64
C ALA A 339 0.35 6.67 -28.60
N ALA A 340 0.02 6.54 -29.89
CA ALA A 340 0.65 7.35 -30.96
C ALA A 340 0.37 8.86 -30.88
N GLU A 341 -0.79 9.23 -30.34
CA GLU A 341 -1.19 10.66 -30.23
C GLU A 341 -0.60 11.41 -29.02
N LEU A 342 -0.46 10.70 -27.90
CA LEU A 342 0.13 11.30 -26.71
C LEU A 342 1.61 11.39 -26.97
N ARG A 343 2.14 10.42 -27.73
CA ARG A 343 3.53 10.48 -28.18
C ARG A 343 3.80 11.77 -28.96
N ALA A 344 2.85 12.14 -29.80
CA ALA A 344 2.98 13.30 -30.61
C ALA A 344 2.74 14.50 -29.76
N GLU A 345 1.61 14.56 -29.05
CA GLU A 345 1.34 15.65 -28.07
C GLU A 345 2.57 16.01 -27.20
N LEU A 346 3.38 15.01 -26.80
CA LEU A 346 4.58 15.25 -26.00
C LEU A 346 5.77 15.67 -26.84
N ALA A 347 5.81 15.17 -28.08
CA ALA A 347 6.85 15.58 -29.02
C ALA A 347 6.74 17.09 -29.42
N GLU A 348 5.53 17.65 -29.36
CA GLU A 348 5.32 19.12 -29.54
C GLU A 348 5.85 20.02 -28.42
N ARG A 349 5.81 19.53 -27.17
CA ARG A 349 6.34 20.27 -26.02
C ARG A 349 7.84 19.99 -25.87
N GLY A 350 8.42 19.23 -26.80
CA GLY A 350 9.90 19.04 -26.86
C GLY A 350 10.41 17.76 -26.23
N THR A 351 9.48 16.87 -25.85
CA THR A 351 9.78 15.64 -25.11
C THR A 351 9.74 14.38 -25.99
N GLU A 352 10.89 13.80 -26.28
CA GLU A 352 10.90 12.60 -27.08
C GLU A 352 10.43 11.49 -26.18
N THR A 353 9.35 10.84 -26.57
CA THR A 353 8.78 9.75 -25.80
C THR A 353 8.81 8.49 -26.62
N THR A 354 9.70 7.55 -26.34
CA THR A 354 9.69 6.27 -27.03
C THR A 354 8.69 5.26 -26.41
N LEU A 355 7.71 4.81 -27.19
CA LEU A 355 6.86 3.68 -26.76
C LEU A 355 7.61 2.41 -26.92
N ALA A 356 7.53 1.55 -25.91
CA ALA A 356 8.17 0.27 -25.99
C ALA A 356 7.13 -0.78 -25.64
N ALA A 357 7.19 -1.91 -26.33
CA ALA A 357 6.37 -3.06 -25.99
C ALA A 357 7.26 -3.97 -25.19
N CYS A 358 6.88 -4.22 -23.94
CA CYS A 358 7.61 -5.17 -23.07
C CYS A 358 6.68 -5.62 -21.96
N ASP A 359 6.94 -6.81 -21.45
CA ASP A 359 6.15 -7.39 -20.37
C ASP A 359 7.05 -7.40 -19.13
N ILE A 360 6.74 -6.53 -18.14
CA ILE A 360 7.66 -6.35 -16.95
C ILE A 360 7.73 -7.60 -16.08
N THR A 361 6.89 -8.57 -16.37
CA THR A 361 7.01 -9.90 -15.86
C THR A 361 8.07 -10.76 -16.53
N ASP A 362 8.99 -10.18 -17.30
CA ASP A 362 9.96 -10.93 -18.14
C ASP A 362 11.38 -10.46 -17.86
N ARG A 363 12.05 -11.15 -16.96
CA ARG A 363 13.41 -10.80 -16.57
C ARG A 363 14.33 -10.46 -17.76
N ASP A 364 14.20 -11.20 -18.86
CA ASP A 364 15.10 -11.00 -20.01
C ASP A 364 14.62 -9.97 -21.02
N ALA A 365 13.31 -9.82 -21.20
CA ALA A 365 12.77 -8.74 -22.01
C ALA A 365 13.14 -7.36 -21.42
N VAL A 366 12.82 -7.20 -20.15
CA VAL A 366 13.11 -5.96 -19.46
C VAL A 366 14.61 -5.73 -19.45
N ALA A 367 15.38 -6.80 -19.28
CA ALA A 367 16.84 -6.70 -19.29
C ALA A 367 17.33 -6.31 -20.68
N ALA A 368 16.65 -6.84 -21.70
CA ALA A 368 16.88 -6.47 -23.11
C ALA A 368 16.70 -4.97 -23.31
N LEU A 369 15.49 -4.51 -23.01
CA LEU A 369 15.20 -3.11 -23.11
C LEU A 369 16.13 -2.22 -22.26
N LEU A 370 16.45 -2.62 -21.05
CA LEU A 370 17.23 -1.73 -20.22
C LEU A 370 18.62 -1.62 -20.79
N GLU A 371 19.21 -2.78 -21.04
CA GLU A 371 20.54 -2.82 -21.62
C GLU A 371 20.59 -2.11 -22.98
N SER A 372 19.51 -2.23 -23.77
CA SER A 372 19.37 -1.54 -25.06
C SER A 372 19.61 -0.02 -24.96
N LEU A 373 18.70 0.66 -24.27
CA LEU A 373 18.80 2.09 -24.12
C LEU A 373 20.15 2.52 -23.61
N LYS A 374 20.74 1.76 -22.68
CA LYS A 374 22.06 2.09 -22.15
C LYS A 374 23.04 2.15 -23.32
N ALA A 375 22.73 1.42 -24.40
CA ALA A 375 23.53 1.44 -25.63
C ALA A 375 23.20 2.59 -26.64
N GLU A 376 22.11 3.31 -26.48
CA GLU A 376 21.96 4.54 -27.26
C GLU A 376 23.19 5.52 -27.16
N GLY A 377 23.57 6.07 -25.97
CA GLY A 377 23.20 5.59 -24.65
C GLY A 377 22.39 6.56 -23.82
N ARG A 378 21.34 6.03 -23.20
CA ARG A 378 20.53 6.77 -22.23
C ARG A 378 21.11 6.59 -20.82
N THR A 379 20.54 7.35 -19.88
CA THR A 379 20.62 7.02 -18.46
C THR A 379 19.25 7.23 -17.83
N VAL A 380 18.70 6.16 -17.27
CA VAL A 380 17.40 6.22 -16.57
C VAL A 380 17.63 6.81 -15.18
N ARG A 381 17.03 7.97 -14.90
CA ARG A 381 17.25 8.64 -13.65
C ARG A 381 16.06 8.44 -12.76
N THR A 382 14.92 8.14 -13.39
CA THR A 382 13.65 8.01 -12.68
C THR A 382 12.79 6.88 -13.25
N VAL A 383 12.36 5.97 -12.38
CA VAL A 383 11.38 4.99 -12.77
C VAL A 383 10.08 5.28 -12.06
N VAL A 384 8.96 4.96 -12.70
CA VAL A 384 7.66 5.12 -12.10
C VAL A 384 6.89 3.89 -12.47
N HIS A 385 6.44 3.17 -11.47
CA HIS A 385 5.91 1.85 -11.67
C HIS A 385 4.44 1.74 -11.41
N THR A 386 3.67 1.95 -12.48
CA THR A 386 2.19 1.96 -12.44
C THR A 386 1.60 0.68 -13.06
N ALA A 387 2.47 -0.14 -13.58
CA ALA A 387 2.02 -1.42 -14.13
C ALA A 387 1.20 -2.19 -13.14
N ALA A 388 -0.09 -2.34 -13.43
CA ALA A 388 -1.01 -3.12 -12.59
C ALA A 388 -2.28 -3.60 -13.32
N THR A 389 -2.87 -4.72 -12.88
CA THR A 389 -4.22 -5.11 -13.31
C THR A 389 -5.16 -5.21 -12.11
N ILE A 390 -6.02 -4.22 -11.95
CA ILE A 390 -6.94 -4.18 -10.83
C ILE A 390 -8.17 -5.04 -11.09
N GLU A 391 -8.14 -6.31 -10.77
CA GLU A 391 -9.38 -7.09 -10.79
C GLU A 391 -9.91 -7.34 -9.38
N LEU A 392 -11.18 -7.04 -9.12
CA LEU A 392 -11.80 -7.45 -7.87
C LEU A 392 -11.95 -8.97 -7.72
N HIS A 393 -12.27 -9.39 -6.49
CA HIS A 393 -12.39 -10.79 -6.06
C HIS A 393 -12.37 -11.05 -4.55
N THR A 394 -13.35 -11.83 -4.10
CA THR A 394 -13.48 -12.14 -2.69
C THR A 394 -12.56 -13.29 -2.34
N LEU A 395 -12.28 -13.46 -1.04
CA LEU A 395 -11.27 -14.41 -0.58
C LEU A 395 -11.79 -15.82 -0.70
N ASP A 396 -13.10 -15.96 -0.47
CA ASP A 396 -13.74 -17.26 -0.62
C ASP A 396 -13.77 -17.69 -2.09
N ALA A 397 -14.12 -16.74 -2.95
CA ALA A 397 -14.25 -16.97 -4.39
C ALA A 397 -12.92 -17.15 -5.06
N THR A 398 -12.04 -16.19 -4.87
CA THR A 398 -10.82 -16.10 -5.69
C THR A 398 -10.16 -17.47 -5.89
N THR A 399 -9.22 -17.56 -6.82
CA THR A 399 -8.44 -18.76 -6.97
C THR A 399 -7.05 -18.32 -6.98
N LEU A 400 -6.14 -19.26 -6.86
CA LEU A 400 -4.78 -18.87 -6.89
C LEU A 400 -4.51 -18.02 -8.12
N ASP A 401 -5.23 -18.29 -9.22
CA ASP A 401 -4.82 -17.70 -10.51
C ASP A 401 -5.30 -16.28 -10.67
N ASP A 402 -6.50 -15.98 -10.19
CA ASP A 402 -6.89 -14.59 -9.93
C ASP A 402 -5.89 -13.85 -9.02
N PHE A 403 -5.55 -14.47 -7.91
CA PHE A 403 -4.58 -13.89 -7.00
C PHE A 403 -3.25 -13.64 -7.71
N ASP A 404 -2.83 -14.59 -8.50
CA ASP A 404 -1.57 -14.40 -9.18
C ASP A 404 -1.70 -13.30 -10.22
N ARG A 405 -2.80 -13.30 -10.97
CA ARG A 405 -2.92 -12.35 -12.06
C ARG A 405 -2.77 -10.95 -11.53
N VAL A 406 -3.44 -10.66 -10.43
CA VAL A 406 -3.44 -9.32 -9.90
C VAL A 406 -2.07 -8.85 -9.40
N LEU A 407 -1.31 -9.75 -8.80
CA LEU A 407 -0.05 -9.44 -8.13
C LEU A 407 1.10 -9.28 -9.09
N ALA A 408 1.12 -10.17 -10.06
CA ALA A 408 2.32 -10.44 -10.83
C ALA A 408 2.91 -9.18 -11.52
N ALA A 409 2.06 -8.25 -11.90
CA ALA A 409 2.54 -7.06 -12.58
C ALA A 409 3.18 -6.06 -11.60
N LYS A 410 2.38 -5.42 -10.73
CA LYS A 410 2.92 -4.73 -9.55
C LYS A 410 4.15 -5.43 -8.98
N VAL A 411 3.99 -6.71 -8.63
CA VAL A 411 4.96 -7.31 -7.74
C VAL A 411 6.18 -7.80 -8.48
N THR A 412 6.01 -8.84 -9.29
CA THR A 412 7.21 -9.36 -9.95
C THR A 412 7.83 -8.16 -10.73
N GLY A 413 6.95 -7.33 -11.31
CA GLY A 413 7.36 -6.04 -11.81
C GLY A 413 8.44 -5.39 -10.98
N ALA A 414 8.12 -5.10 -9.70
CA ALA A 414 9.05 -4.33 -8.87
C ALA A 414 10.34 -5.06 -8.52
N GLN A 415 10.27 -6.36 -8.32
CA GLN A 415 11.45 -7.10 -7.91
C GLN A 415 12.39 -7.07 -9.08
N ILE A 416 11.82 -7.29 -10.27
CA ILE A 416 12.60 -7.29 -11.50
C ILE A 416 13.24 -5.90 -11.73
N LEU A 417 12.44 -4.86 -11.60
CA LEU A 417 13.00 -3.54 -11.63
C LEU A 417 14.04 -3.32 -10.55
N ASP A 418 13.73 -3.80 -9.35
CA ASP A 418 14.64 -3.73 -8.25
C ASP A 418 15.93 -4.49 -8.53
N GLU A 419 15.85 -5.66 -9.16
CA GLU A 419 17.09 -6.41 -9.47
C GLU A 419 18.00 -5.71 -10.48
N LEU A 420 17.41 -5.11 -11.50
CA LEU A 420 18.14 -4.73 -12.70
C LEU A 420 18.64 -3.32 -12.70
N LEU A 421 17.73 -2.38 -12.49
CA LEU A 421 18.07 -0.97 -12.47
C LEU A 421 19.42 -0.76 -11.79
N ASP A 422 20.12 0.30 -12.19
CA ASP A 422 21.51 0.44 -11.79
C ASP A 422 21.71 0.79 -10.31
N ASP A 423 20.76 1.51 -9.74
CA ASP A 423 20.82 1.92 -8.33
C ASP A 423 21.92 2.94 -8.08
N GLU A 424 22.67 3.24 -9.13
CA GLU A 424 23.60 4.33 -9.08
C GLU A 424 23.08 5.41 -10.03
N GLU A 425 23.20 6.66 -9.59
CA GLU A 425 22.78 7.84 -10.36
C GLU A 425 21.26 8.03 -10.45
N LEU A 426 20.49 6.95 -10.70
CA LEU A 426 19.03 7.09 -10.80
C LEU A 426 18.42 7.51 -9.49
N ASP A 427 18.09 8.80 -9.37
CA ASP A 427 17.79 9.39 -8.08
C ASP A 427 16.35 9.16 -7.66
N ASP A 428 15.56 8.49 -8.48
CA ASP A 428 14.18 8.18 -8.09
C ASP A 428 13.58 6.88 -8.64
N PHE A 429 12.64 6.34 -7.85
CA PHE A 429 12.08 5.00 -8.05
C PHE A 429 10.72 4.95 -7.37
N VAL A 430 9.77 5.54 -8.06
CA VAL A 430 8.44 5.75 -7.53
C VAL A 430 7.51 4.57 -7.79
N LEU A 431 6.77 4.14 -6.79
CA LEU A 431 5.85 3.02 -6.94
C LEU A 431 4.45 3.48 -6.73
N TYR A 432 3.57 3.09 -7.63
CA TYR A 432 2.18 3.54 -7.53
C TYR A 432 1.45 2.52 -6.67
N SER A 433 0.64 3.03 -5.77
CA SER A 433 -0.04 2.20 -4.82
C SER A 433 -1.41 2.78 -4.56
N SER A 434 -2.03 2.37 -3.46
CA SER A 434 -3.45 2.61 -3.26
C SER A 434 -3.77 2.51 -1.80
N THR A 435 -4.85 3.17 -1.39
CA THR A 435 -5.22 3.08 -0.02
C THR A 435 -5.63 1.66 0.19
N ALA A 436 -6.23 1.05 -0.81
CA ALA A 436 -6.36 -0.39 -0.84
C ALA A 436 -4.96 -0.96 -0.86
N GLY A 437 -4.35 -1.01 0.30
CA GLY A 437 -2.93 -1.37 0.41
C GLY A 437 -2.14 -0.45 1.35
N MET A 438 -2.70 0.66 1.77
CA MET A 438 -2.19 1.25 2.97
C MET A 438 -3.04 0.68 4.10
N TRP A 439 -4.21 0.20 3.77
CA TRP A 439 -5.06 -0.56 4.67
C TRP A 439 -5.98 -1.45 3.85
N GLY A 440 -6.87 -2.17 4.50
CA GLY A 440 -7.65 -3.19 3.83
C GLY A 440 -8.74 -2.66 2.92
N SER A 441 -9.17 -3.46 1.94
CA SER A 441 -10.50 -3.24 1.31
C SER A 441 -11.19 -4.55 1.06
N GLY A 442 -12.49 -4.60 1.34
CA GLY A 442 -13.27 -5.78 0.98
C GLY A 442 -13.00 -6.16 -0.47
N ALA A 443 -12.82 -7.45 -0.73
CA ALA A 443 -12.70 -7.95 -2.09
C ALA A 443 -11.44 -7.51 -2.79
N HIS A 444 -10.49 -6.92 -2.09
CA HIS A 444 -9.33 -6.46 -2.81
C HIS A 444 -8.13 -7.21 -2.34
N ALA A 445 -8.35 -8.31 -1.65
CA ALA A 445 -7.21 -8.95 -1.04
C ALA A 445 -5.94 -8.97 -1.86
N ALA A 446 -6.00 -9.26 -3.15
CA ALA A 446 -4.72 -9.44 -3.86
C ALA A 446 -4.04 -8.09 -4.12
N TYR A 447 -4.86 -7.07 -4.26
CA TYR A 447 -4.39 -5.78 -4.71
C TYR A 447 -3.79 -5.10 -3.47
N VAL A 448 -4.41 -5.40 -2.33
CA VAL A 448 -3.91 -4.96 -1.05
C VAL A 448 -2.64 -5.71 -0.74
N ALA A 449 -2.64 -6.99 -1.05
CA ALA A 449 -1.44 -7.74 -0.82
C ALA A 449 -0.33 -7.14 -1.64
N GLY A 450 -0.63 -6.82 -2.90
CA GLY A 450 0.41 -6.32 -3.79
C GLY A 450 0.80 -4.91 -3.39
N ASN A 451 -0.19 -4.09 -3.06
CA ASN A 451 0.15 -2.72 -2.64
C ASN A 451 0.96 -2.58 -1.33
N ALA A 452 0.70 -3.48 -0.37
CA ALA A 452 1.45 -3.45 0.90
C ALA A 452 2.85 -3.96 0.69
N TYR A 453 3.00 -4.83 -0.29
CA TYR A 453 4.36 -5.23 -0.65
C TYR A 453 5.10 -4.04 -1.22
N LEU A 454 4.42 -3.17 -1.98
CA LEU A 454 5.16 -2.07 -2.61
C LEU A 454 5.73 -1.27 -1.47
N ALA A 455 4.89 -0.81 -0.56
CA ALA A 455 5.39 -0.02 0.59
C ALA A 455 6.58 -0.67 1.32
N ALA A 456 6.41 -1.93 1.68
CA ALA A 456 7.48 -2.62 2.32
C ALA A 456 8.72 -2.62 1.46
N LEU A 457 8.59 -2.86 0.14
CA LEU A 457 9.82 -3.01 -0.68
C LEU A 457 10.51 -1.67 -0.70
N ALA A 458 9.70 -0.63 -0.74
CA ALA A 458 10.16 0.74 -0.52
C ALA A 458 10.90 0.94 0.79
N GLU A 459 10.34 0.47 1.90
CA GLU A 459 10.98 0.62 3.22
C GLU A 459 12.25 -0.23 3.29
N HIS A 460 12.21 -1.38 2.64
CA HIS A 460 13.34 -2.28 2.63
C HIS A 460 14.50 -1.71 1.81
N ARG A 461 14.19 -0.93 0.77
CA ARG A 461 15.23 -0.39 -0.10
C ARG A 461 15.90 0.77 0.59
N ARG A 462 15.10 1.70 1.08
CA ARG A 462 15.62 2.78 1.94
C ARG A 462 16.51 2.21 3.06
N ALA A 463 16.05 1.13 3.69
CA ALA A 463 16.78 0.45 4.75
C ALA A 463 18.21 0.18 4.34
N ARG A 464 18.41 -0.10 3.07
CA ARG A 464 19.74 -0.43 2.62
C ARG A 464 20.33 0.74 1.89
N GLY A 465 19.77 1.92 2.09
CA GLY A 465 20.26 3.14 1.43
C GLY A 465 20.00 3.31 -0.07
N LEU A 466 18.91 2.71 -0.58
CA LEU A 466 18.45 2.87 -1.96
C LEU A 466 17.18 3.73 -2.01
N THR A 467 17.03 4.49 -3.08
CA THR A 467 15.91 5.42 -3.19
C THR A 467 14.67 4.62 -3.51
N ALA A 468 13.51 5.13 -3.10
CA ALA A 468 12.21 4.49 -3.39
C ALA A 468 11.08 5.18 -2.68
N LEU A 469 10.01 5.40 -3.42
CA LEU A 469 8.84 6.06 -2.92
C LEU A 469 7.67 5.20 -3.36
N SER A 470 6.89 4.75 -2.38
CA SER A 470 5.62 4.19 -2.68
C SER A 470 4.59 5.21 -2.30
N LEU A 471 3.77 5.57 -3.26
CA LEU A 471 2.79 6.59 -3.07
C LEU A 471 1.44 5.92 -3.21
N SER A 472 0.58 6.10 -2.22
CA SER A 472 -0.72 5.46 -2.20
C SER A 472 -1.79 6.46 -2.58
N TRP A 473 -2.21 6.46 -3.85
CA TRP A 473 -3.47 7.14 -4.27
C TRP A 473 -4.56 6.21 -3.77
N GLY A 474 -5.77 6.65 -3.43
CA GLY A 474 -6.39 7.86 -3.89
C GLY A 474 -7.09 7.55 -5.20
N ILE A 475 -8.35 7.97 -5.33
CA ILE A 475 -9.03 7.80 -6.63
C ILE A 475 -9.03 9.04 -7.50
N TRP A 476 -8.49 8.92 -8.71
CA TRP A 476 -8.43 10.07 -9.63
C TRP A 476 -9.76 10.26 -10.41
N ALA A 477 -9.96 11.44 -11.00
CA ALA A 477 -11.22 11.74 -11.71
C ALA A 477 -11.35 11.02 -13.04
N GLN A 488 -20.04 7.30 -9.11
CA GLN A 488 -20.95 7.68 -8.03
C GLN A 488 -21.25 6.54 -7.06
N MET A 489 -21.48 5.33 -7.57
CA MET A 489 -21.57 4.11 -6.73
C MET A 489 -20.34 4.05 -5.82
N ILE A 490 -19.22 4.40 -6.42
CA ILE A 490 -17.91 4.42 -5.79
C ILE A 490 -17.87 5.54 -4.74
N ARG A 491 -18.23 6.73 -5.18
CA ARG A 491 -18.14 7.99 -4.42
C ARG A 491 -18.95 8.07 -3.11
N ARG A 492 -19.94 7.18 -2.96
CA ARG A 492 -20.76 7.11 -1.74
C ARG A 492 -20.02 6.35 -0.63
N SER A 493 -19.01 5.56 -1.01
CA SER A 493 -18.18 4.86 -0.03
C SER A 493 -17.43 5.84 0.89
N GLY A 494 -17.30 7.11 0.49
CA GLY A 494 -16.68 8.14 1.32
C GLY A 494 -15.44 8.66 0.64
N LEU A 495 -15.03 7.98 -0.43
CA LEU A 495 -13.96 8.46 -1.27
C LEU A 495 -14.45 9.52 -2.24
N GLU A 496 -13.64 10.57 -2.44
CA GLU A 496 -13.89 11.57 -3.47
C GLU A 496 -12.78 11.56 -4.52
N PHE A 497 -13.17 11.80 -5.76
CA PHE A 497 -12.23 11.79 -6.89
C PHE A 497 -11.38 13.04 -6.84
N MET A 498 -10.18 12.96 -7.42
CA MET A 498 -9.19 14.03 -7.36
C MET A 498 -8.81 14.56 -8.76
N ASP A 499 -8.45 15.84 -8.85
CA ASP A 499 -7.91 16.38 -10.10
C ASP A 499 -6.58 15.78 -10.33
N PRO A 500 -6.36 15.27 -11.54
CA PRO A 500 -5.05 14.76 -11.89
C PRO A 500 -3.91 15.74 -11.61
N GLN A 501 -4.16 17.04 -11.74
CA GLN A 501 -3.06 17.98 -11.55
C GLN A 501 -2.81 18.18 -10.06
N LEU A 502 -3.86 18.43 -9.30
CA LEU A 502 -3.74 18.47 -7.88
C LEU A 502 -3.10 17.21 -7.37
N ALA A 503 -3.58 16.08 -7.84
CA ALA A 503 -3.07 14.81 -7.40
C ALA A 503 -1.59 14.70 -7.68
N LEU A 504 -1.15 15.25 -8.81
CA LEU A 504 0.26 15.24 -9.11
C LEU A 504 1.04 16.27 -8.31
N SER A 505 0.33 17.25 -7.77
CA SER A 505 0.93 18.18 -6.83
C SER A 505 1.38 17.36 -5.64
N GLY A 506 0.51 16.44 -5.21
CA GLY A 506 0.83 15.46 -4.16
C GLY A 506 2.16 14.81 -4.42
N LEU A 507 2.29 14.26 -5.61
CA LEU A 507 3.52 13.57 -5.99
C LEU A 507 4.73 14.50 -6.06
N LYS A 508 4.52 15.74 -6.52
CA LYS A 508 5.62 16.71 -6.57
C LYS A 508 6.19 16.87 -5.14
N ARG A 509 5.29 17.14 -4.20
CA ARG A 509 5.69 17.46 -2.86
C ARG A 509 6.43 16.27 -2.30
N ALA A 510 5.88 15.09 -2.56
CA ALA A 510 6.50 13.86 -2.11
C ALA A 510 7.89 13.76 -2.66
N LEU A 511 8.05 14.03 -3.95
CA LEU A 511 9.36 13.86 -4.57
C LEU A 511 10.37 14.91 -4.07
N ASP A 512 9.86 16.13 -3.84
CA ASP A 512 10.70 17.20 -3.28
C ASP A 512 11.19 16.74 -1.89
N ASP A 513 10.28 16.13 -1.10
CA ASP A 513 10.57 15.79 0.29
C ASP A 513 11.21 14.43 0.53
N ASP A 514 11.63 13.75 -0.52
CA ASP A 514 12.25 12.42 -0.38
C ASP A 514 11.53 11.45 0.56
N GLU A 515 10.20 11.56 0.57
CA GLU A 515 9.32 10.59 1.22
C GLU A 515 9.64 9.17 0.84
N GLN A 516 9.28 8.22 1.71
CA GLN A 516 9.34 6.81 1.35
C GLN A 516 7.95 6.18 1.21
N VAL A 517 6.97 6.59 2.04
CA VAL A 517 5.59 6.11 1.91
C VAL A 517 4.63 7.12 2.49
N ILE A 518 3.60 7.42 1.72
CA ILE A 518 2.59 8.38 2.11
C ILE A 518 1.34 7.99 1.32
N ALA A 519 0.20 8.50 1.73
CA ALA A 519 -1.01 8.46 0.91
C ALA A 519 -1.45 9.85 0.38
N VAL A 520 -2.14 9.86 -0.76
CA VAL A 520 -2.68 11.09 -1.25
C VAL A 520 -4.10 10.79 -1.62
N ALA A 521 -5.05 11.21 -0.81
CA ALA A 521 -6.41 10.81 -1.10
C ALA A 521 -7.44 11.70 -0.43
N ASP A 522 -8.51 11.90 -1.18
CA ASP A 522 -9.62 12.70 -0.71
C ASP A 522 -10.64 11.73 -0.14
N VAL A 523 -10.84 11.85 1.17
CA VAL A 523 -11.68 10.94 1.90
C VAL A 523 -12.65 11.79 2.65
N ASP A 524 -13.93 11.45 2.55
CA ASP A 524 -14.93 12.05 3.41
C ASP A 524 -15.05 11.08 4.51
N TRP A 525 -14.48 11.42 5.65
CA TRP A 525 -14.38 10.49 6.76
C TRP A 525 -15.71 10.27 7.41
N GLU A 526 -16.53 11.30 7.43
CA GLU A 526 -17.82 11.22 8.10
C GLU A 526 -18.75 10.25 7.38
N THR A 527 -18.49 9.93 6.11
CA THR A 527 -19.16 8.76 5.51
C THR A 527 -18.24 7.58 5.32
N TYR A 528 -16.95 7.82 5.09
CA TYR A 528 -16.08 6.68 4.95
C TYR A 528 -16.06 5.85 6.24
N HIS A 529 -15.77 6.49 7.36
CA HIS A 529 -15.47 5.72 8.57
C HIS A 529 -16.60 4.79 8.90
N PRO A 530 -17.83 5.32 8.89
CA PRO A 530 -18.91 4.43 9.30
C PRO A 530 -19.12 3.30 8.33
N VAL A 531 -18.84 3.52 7.05
CA VAL A 531 -18.98 2.39 6.15
C VAL A 531 -17.94 1.37 6.55
N TYR A 532 -16.72 1.87 6.75
CA TYR A 532 -15.60 0.98 6.96
C TYR A 532 -15.84 0.07 8.13
N THR A 533 -16.38 0.61 9.23
CA THR A 533 -16.43 -0.13 10.49
C THR A 533 -17.70 -0.91 10.70
N SER A 534 -18.59 -0.85 9.71
CA SER A 534 -19.97 -1.33 9.86
C SER A 534 -20.07 -2.78 10.34
N ALA A 535 -19.12 -3.62 9.98
CA ALA A 535 -19.07 -4.99 10.46
C ALA A 535 -18.09 -5.08 11.58
N ARG A 536 -16.85 -4.70 11.26
CA ARG A 536 -15.71 -4.77 12.19
C ARG A 536 -15.32 -3.39 12.67
N PRO A 537 -15.21 -3.21 13.99
CA PRO A 537 -14.75 -1.96 14.61
C PRO A 537 -13.23 -1.87 14.67
N THR A 538 -12.69 -0.64 14.59
CA THR A 538 -11.23 -0.44 14.58
C THR A 538 -10.74 0.97 14.96
N PRO A 539 -9.60 1.01 15.66
CA PRO A 539 -8.97 2.25 16.02
C PRO A 539 -7.99 2.75 14.98
N LEU A 540 -7.89 2.05 13.88
CA LEU A 540 -6.90 2.43 12.89
C LEU A 540 -6.94 3.93 12.59
N PHE A 541 -8.13 4.52 12.55
CA PHE A 541 -8.27 5.93 12.16
C PHE A 541 -8.55 6.90 13.33
N ASP A 542 -8.59 6.41 14.58
CA ASP A 542 -8.94 7.27 15.75
C ASP A 542 -8.12 8.58 15.84
N GLU A 543 -6.83 8.51 15.51
CA GLU A 543 -6.01 9.70 15.50
C GLU A 543 -6.19 10.64 14.27
N VAL A 544 -7.26 10.49 13.49
CA VAL A 544 -7.54 11.46 12.41
C VAL A 544 -8.62 12.38 12.96
N PRO A 545 -8.29 13.67 13.12
CA PRO A 545 -9.10 14.58 13.94
C PRO A 545 -10.59 14.52 13.66
N GLU A 546 -10.95 14.46 12.40
CA GLU A 546 -12.35 14.51 12.00
C GLU A 546 -13.08 13.22 12.33
N VAL A 547 -12.31 12.18 12.60
CA VAL A 547 -12.87 10.90 12.96
C VAL A 547 -13.11 10.86 14.45
N GLN A 548 -12.29 11.61 15.20
CA GLN A 548 -12.55 11.83 16.62
C GLN A 548 -13.90 12.51 16.85
N ARG A 549 -14.13 13.67 16.21
CA ARG A 549 -15.38 14.47 16.39
C ARG A 549 -16.61 13.59 16.28
N LEU A 550 -16.64 12.84 15.20
CA LEU A 550 -17.60 11.80 14.95
C LEU A 550 -17.77 10.87 16.18
N THR A 551 -16.70 10.20 16.61
CA THR A 551 -16.82 9.25 17.71
C THR A 551 -17.58 9.87 18.91
N ALA A 552 -17.26 11.12 19.24
CA ALA A 552 -18.03 11.85 20.25
C ALA A 552 -19.47 12.16 19.79
PA NDP B . -4.35 0.49 -15.56
O1A NDP B . -5.08 1.52 -16.39
O2A NDP B . -4.95 -0.89 -15.50
O5B NDP B . -2.82 0.42 -16.04
C5B NDP B . -2.23 -0.86 -16.15
C4B NDP B . -1.21 -0.70 -17.19
O4B NDP B . -0.15 -1.61 -16.84
C3B NDP B . -1.87 -1.05 -18.52
O3B NDP B . -1.64 -0.06 -19.49
C2B NDP B . -1.16 -2.30 -18.91
O2B NDP B . -0.77 -2.13 -20.26
C1B NDP B . 0.05 -2.44 -17.96
N9A NDP B . 0.23 -3.86 -17.63
C8A NDP B . -0.64 -4.83 -17.20
N7A NDP B . 0.02 -6.07 -17.11
C5A NDP B . 1.28 -5.86 -17.54
C6A NDP B . 2.49 -6.64 -17.76
N6A NDP B . 2.50 -7.97 -17.47
N1A NDP B . 3.62 -6.03 -18.22
C2A NDP B . 3.61 -4.70 -18.52
N3A NDP B . 2.53 -3.93 -18.37
C4A NDP B . 1.40 -4.43 -17.88
O3 NDP B . -4.26 1.10 -14.09
PN NDP B . -4.39 2.67 -13.81
O1N NDP B . -5.84 3.03 -13.55
O2N NDP B . -3.49 3.43 -14.79
O5D NDP B . -3.68 2.76 -12.39
C5D NDP B . -2.33 3.20 -12.26
C4D NDP B . -1.76 2.85 -10.89
O4D NDP B . -2.30 3.68 -9.84
C3D NDP B . -2.03 1.40 -10.53
O3D NDP B . -0.78 0.72 -10.34
C2D NDP B . -2.92 1.48 -9.29
O2D NDP B . -2.44 0.60 -8.28
C1D NDP B . -2.92 2.94 -8.79
N1N NDP B . -4.27 3.48 -8.49
C2N NDP B . -5.04 4.02 -9.47
C3N NDP B . -6.30 4.56 -9.24
C7N NDP B . -7.19 5.15 -10.33
O7N NDP B . -8.03 6.01 -10.02
N7N NDP B . -7.07 4.70 -11.60
C4N NDP B . -6.87 4.54 -7.83
C5N NDP B . -5.97 3.96 -6.86
C6N NDP B . -4.73 3.46 -7.23
P2B NDP B . -0.67 -3.39 -21.26
O1X NDP B . -2.01 -4.03 -21.00
O2X NDP B . -0.56 -2.64 -22.57
O3X NDP B . 0.58 -4.19 -20.91
#